data_6XDT
#
_entry.id   6XDT
#
_cell.length_a   62.681
_cell.length_b   82.977
_cell.length_c   105.025
_cell.angle_alpha   90.000
_cell.angle_beta   90.000
_cell.angle_gamma   90.000
#
_symmetry.space_group_name_H-M   'P 21 21 21'
#
loop_
_entity.id
_entity.type
_entity.pdbx_description
1 polymer 'Hemoglobin subunit alpha'
2 polymer 'Hemoglobin subunit beta'
3 non-polymer 'CARBON MONOXIDE'
4 non-polymer 'PROTOPORPHYRIN IX CONTAINING FE'
5 non-polymer 'methyl 5-[(4-methoxy-2-methylphenoxy)methyl]pyridine-2-carboxylate'
6 water water
#
loop_
_entity_poly.entity_id
_entity_poly.type
_entity_poly.pdbx_seq_one_letter_code
_entity_poly.pdbx_strand_id
1 'polypeptide(L)'
;VLSPADKTNVKAAWGKVGAHAGEYGAEALERMFLSFPTTKTYFPHFDLSHGSAQVKGHGKKVADALTNAVAHVDDMPNAL
SALSDLHAHKLRVDPVNFKLLSHCLLVTLAAHLPAEFTPAVHASLDKFLASVSTVLTSKYR
;
A,C
2 'polypeptide(L)'
;VHLTPEEKSAVTALWGKVNVDEVGGEALGRLLVVYPWTQRFFESFGDLSTPDAVMGNPKVKAHGKKVLGAFSDGLAHLDN
LKGTFATLSELHCDKLHVDPENFRLLGNVLVCVLAHHFGKEFTPPVQAAYQKVVAGVANALAHKYH
;
B,D
#
# COMPACT_ATOMS: atom_id res chain seq x y z
N VAL A 1 3.88 2.36 14.53
CA VAL A 1 4.16 2.81 15.91
C VAL A 1 2.86 3.03 16.67
N LEU A 2 2.68 2.24 17.73
CA LEU A 2 1.47 2.30 18.53
C LEU A 2 1.61 3.32 19.68
N SER A 3 0.53 4.05 19.93
CA SER A 3 0.48 4.99 21.04
C SER A 3 0.22 4.22 22.32
N PRO A 4 0.49 4.84 23.48
CA PRO A 4 0.07 4.16 24.71
C PRO A 4 -1.42 3.85 24.71
N ALA A 5 -2.25 4.70 24.11
CA ALA A 5 -3.69 4.44 24.04
C ALA A 5 -4.01 3.30 23.07
N ASP A 6 -3.25 3.21 21.98
CA ASP A 6 -3.39 2.10 21.02
C ASP A 6 -3.24 0.77 21.74
N LYS A 7 -2.19 0.67 22.56
CA LYS A 7 -1.85 -0.55 23.26
C LYS A 7 -2.93 -0.95 24.26
N THR A 8 -3.42 0.05 24.99
CA THR A 8 -4.53 -0.11 25.93
C THR A 8 -5.79 -0.59 25.23
N ASN A 9 -6.13 0.06 24.11
CA ASN A 9 -7.31 -0.31 23.32
C ASN A 9 -7.24 -1.75 22.82
N VAL A 10 -6.08 -2.11 22.27
CA VAL A 10 -5.90 -3.45 21.73
C VAL A 10 -5.98 -4.51 22.83
N LYS A 11 -5.37 -4.25 23.98
CA LYS A 11 -5.40 -5.20 25.09
C LYS A 11 -6.82 -5.40 25.61
N ALA A 12 -7.55 -4.29 25.80
CA ALA A 12 -8.93 -4.40 26.27
C ALA A 12 -9.80 -5.19 25.29
N ALA A 13 -9.71 -4.84 24.02
CA ALA A 13 -10.54 -5.47 22.99
C ALA A 13 -10.17 -6.93 22.72
N TRP A 14 -8.88 -7.20 22.53
CA TRP A 14 -8.48 -8.57 22.21
C TRP A 14 -8.70 -9.48 23.42
N GLY A 15 -8.58 -8.94 24.63
CA GLY A 15 -8.82 -9.69 25.84
C GLY A 15 -10.25 -10.19 25.99
N LYS A 16 -11.15 -9.65 25.19
CA LYS A 16 -12.54 -10.11 25.19
C LYS A 16 -12.70 -11.39 24.38
N VAL A 17 -11.75 -11.68 23.50
CA VAL A 17 -11.83 -12.87 22.67
C VAL A 17 -11.83 -14.12 23.54
N GLY A 18 -10.85 -14.22 24.44
CA GLY A 18 -10.79 -15.29 25.43
C GLY A 18 -10.88 -16.69 24.85
N ALA A 19 -11.86 -17.45 25.30
CA ALA A 19 -12.03 -18.83 24.90
C ALA A 19 -12.50 -18.95 23.45
N HIS A 20 -12.83 -17.83 22.83
CA HIS A 20 -13.28 -17.80 21.44
C HIS A 20 -12.11 -17.64 20.46
N ALA A 21 -10.89 -17.77 20.97
CA ALA A 21 -9.68 -17.66 20.15
C ALA A 21 -9.74 -18.52 18.88
N GLY A 22 -10.00 -19.81 19.05
CA GLY A 22 -10.04 -20.73 17.93
C GLY A 22 -11.18 -20.47 16.98
N GLU A 23 -12.37 -20.22 17.56
CA GLU A 23 -13.54 -19.86 16.78
C GLU A 23 -13.29 -18.60 15.92
N TYR A 24 -12.77 -17.54 16.53
CA TYR A 24 -12.61 -16.27 15.82
C TYR A 24 -11.46 -16.36 14.81
N GLY A 25 -10.37 -17.01 15.21
CA GLY A 25 -9.25 -17.25 14.33
C GLY A 25 -9.66 -18.02 13.09
N ALA A 26 -10.42 -19.10 13.28
CA ALA A 26 -10.86 -19.92 12.17
C ALA A 26 -11.81 -19.15 11.28
N GLU A 27 -12.71 -18.40 11.91
CA GLU A 27 -13.64 -17.56 11.16
C GLU A 27 -12.88 -16.52 10.33
N ALA A 28 -11.84 -15.91 10.89
CA ALA A 28 -11.09 -14.90 10.14
C ALA A 28 -10.44 -15.52 8.90
N LEU A 29 -9.88 -16.71 9.06
CA LEU A 29 -9.30 -17.42 7.94
C LEU A 29 -10.34 -17.79 6.89
N GLU A 30 -11.47 -18.33 7.33
CA GLU A 30 -12.57 -18.69 6.44
C GLU A 30 -13.07 -17.51 5.63
N ARG A 31 -13.20 -16.35 6.29
CA ARG A 31 -13.61 -15.15 5.60
C ARG A 31 -12.59 -14.81 4.54
N MET A 32 -11.31 -14.91 4.89
CA MET A 32 -10.25 -14.61 3.94
C MET A 32 -10.28 -15.54 2.73
N PHE A 33 -10.30 -16.85 2.99
CA PHE A 33 -10.30 -17.83 1.89
C PHE A 33 -11.48 -17.64 0.95
N LEU A 34 -12.64 -17.31 1.51
CA LEU A 34 -13.86 -17.13 0.72
C LEU A 34 -13.90 -15.80 -0.03
N SER A 35 -13.52 -14.72 0.65
CA SER A 35 -13.59 -13.38 0.07
C SER A 35 -12.47 -13.11 -0.93
N PHE A 36 -11.31 -13.67 -0.66
CA PHE A 36 -10.14 -13.45 -1.50
C PHE A 36 -9.48 -14.79 -1.80
N PRO A 37 -10.03 -15.52 -2.78
CA PRO A 37 -9.62 -16.89 -3.11
C PRO A 37 -8.13 -17.04 -3.42
N THR A 38 -7.45 -15.98 -3.84
CA THR A 38 -6.05 -16.10 -4.20
C THR A 38 -5.19 -16.42 -2.99
N THR A 39 -5.68 -16.07 -1.80
CA THR A 39 -4.94 -16.36 -0.56
C THR A 39 -4.82 -17.87 -0.34
N LYS A 40 -5.71 -18.64 -0.94
CA LYS A 40 -5.65 -20.10 -0.79
C LYS A 40 -4.35 -20.70 -1.36
N THR A 41 -3.72 -20.02 -2.30
CA THR A 41 -2.50 -20.57 -2.92
C THR A 41 -1.35 -20.72 -1.93
N TYR A 42 -1.45 -20.08 -0.77
CA TYR A 42 -0.42 -20.25 0.23
C TYR A 42 -0.63 -21.52 1.05
N PHE A 43 -1.81 -22.13 0.91
CA PHE A 43 -2.12 -23.34 1.68
C PHE A 43 -2.49 -24.53 0.80
N PRO A 44 -1.66 -24.86 -0.22
CA PRO A 44 -2.13 -25.86 -1.17
C PRO A 44 -2.25 -27.25 -0.54
N HIS A 45 -1.44 -27.50 0.48
CA HIS A 45 -1.45 -28.80 1.15
C HIS A 45 -2.57 -28.89 2.19
N PHE A 46 -3.27 -27.79 2.42
CA PHE A 46 -4.35 -27.74 3.41
C PHE A 46 -5.68 -28.29 2.89
N ASP A 47 -6.45 -28.90 3.77
CA ASP A 47 -7.87 -29.11 3.53
C ASP A 47 -8.55 -27.77 3.77
N LEU A 48 -9.00 -27.12 2.69
CA LEU A 48 -9.62 -25.80 2.79
C LEU A 48 -11.13 -25.85 2.59
N SER A 49 -11.71 -27.04 2.62
CA SER A 49 -13.15 -27.18 2.54
C SER A 49 -13.82 -26.52 3.75
N HIS A 50 -15.12 -26.24 3.62
CA HIS A 50 -15.87 -25.49 4.63
C HIS A 50 -15.85 -26.17 5.99
N GLY A 51 -15.43 -25.43 7.01
CA GLY A 51 -15.31 -25.98 8.35
C GLY A 51 -14.01 -26.76 8.53
N SER A 52 -13.84 -27.78 7.71
CA SER A 52 -12.65 -28.62 7.77
C SER A 52 -12.38 -29.13 9.18
N ALA A 53 -11.17 -28.86 9.62
CA ALA A 53 -10.64 -29.29 10.91
C ALA A 53 -9.24 -28.71 10.95
N GLN A 54 -8.54 -28.81 9.83
CA GLN A 54 -7.20 -28.27 9.72
C GLN A 54 -7.27 -26.76 9.83
N VAL A 55 -8.27 -26.17 9.17
CA VAL A 55 -8.48 -24.72 9.25
C VAL A 55 -8.81 -24.27 10.68
N LYS A 56 -9.71 -24.97 11.35
CA LYS A 56 -10.07 -24.61 12.72
C LYS A 56 -8.86 -24.69 13.65
N GLY A 57 -8.02 -25.71 13.48
CA GLY A 57 -6.83 -25.83 14.28
C GLY A 57 -5.81 -24.76 13.96
N HIS A 58 -5.74 -24.38 12.70
CA HIS A 58 -4.80 -23.36 12.30
C HIS A 58 -5.26 -21.99 12.79
N GLY A 59 -6.57 -21.79 12.80
CA GLY A 59 -7.16 -20.58 13.32
C GLY A 59 -6.79 -20.34 14.77
N LYS A 60 -6.67 -21.42 15.55
CA LYS A 60 -6.31 -21.34 16.96
C LYS A 60 -4.86 -20.87 17.09
N LYS A 61 -3.98 -21.39 16.25
CA LYS A 61 -2.58 -20.99 16.25
C LYS A 61 -2.44 -19.52 15.89
N VAL A 62 -3.23 -19.07 14.91
CA VAL A 62 -3.15 -17.67 14.50
C VAL A 62 -3.62 -16.75 15.63
N ALA A 63 -4.76 -17.08 16.23
CA ALA A 63 -5.29 -16.27 17.32
C ALA A 63 -4.37 -16.29 18.53
N ASP A 64 -3.77 -17.43 18.84
CA ASP A 64 -2.86 -17.48 19.99
C ASP A 64 -1.61 -16.64 19.75
N ALA A 65 -1.17 -16.55 18.50
CA ALA A 65 0.01 -15.75 18.19
C ALA A 65 -0.28 -14.26 18.36
N LEU A 66 -1.49 -13.86 17.98
CA LEU A 66 -1.94 -12.48 18.20
C LEU A 66 -1.97 -12.16 19.70
N THR A 67 -2.51 -13.07 20.51
CA THR A 67 -2.52 -12.94 21.97
C THR A 67 -1.10 -12.74 22.51
N ASN A 68 -0.16 -13.53 22.00
CA ASN A 68 1.25 -13.38 22.36
C ASN A 68 1.79 -12.01 21.92
N ALA A 69 1.43 -11.58 20.72
CA ALA A 69 1.86 -10.29 20.21
C ALA A 69 1.37 -9.16 21.12
N VAL A 70 0.11 -9.26 21.54
CA VAL A 70 -0.48 -8.28 22.46
C VAL A 70 0.33 -8.21 23.76
N ALA A 71 0.64 -9.37 24.33
CA ALA A 71 1.39 -9.43 25.58
C ALA A 71 2.82 -8.90 25.42
N HIS A 72 3.37 -8.98 24.21
CA HIS A 72 4.71 -8.44 23.95
C HIS A 72 4.69 -7.27 22.98
N VAL A 73 3.69 -6.42 23.12
CA VAL A 73 3.42 -5.34 22.18
C VAL A 73 4.58 -4.35 22.06
N ASP A 74 5.43 -4.29 23.08
CA ASP A 74 6.61 -3.43 23.03
C ASP A 74 7.89 -4.15 22.59
N ASP A 75 7.78 -5.43 22.29
CA ASP A 75 8.96 -6.22 21.93
C ASP A 75 8.62 -7.23 20.83
N MET A 76 7.83 -6.78 19.85
CA MET A 76 7.31 -7.71 18.85
C MET A 76 8.37 -8.34 17.92
N PRO A 77 9.39 -7.57 17.47
CA PRO A 77 10.37 -8.24 16.62
C PRO A 77 11.04 -9.46 17.28
N ASN A 78 11.36 -9.35 18.57
CA ASN A 78 11.90 -10.48 19.30
C ASN A 78 10.90 -11.60 19.50
N ALA A 79 9.70 -11.22 19.96
CA ALA A 79 8.66 -12.19 20.28
C ALA A 79 8.15 -12.91 19.05
N LEU A 80 8.14 -12.22 17.92
CA LEU A 80 7.59 -12.79 16.69
C LEU A 80 8.67 -13.28 15.73
N SER A 81 9.90 -13.40 16.24
CA SER A 81 11.05 -13.77 15.39
C SER A 81 10.82 -15.08 14.65
N ALA A 82 10.25 -16.07 15.32
CA ALA A 82 10.01 -17.36 14.68
C ALA A 82 9.01 -17.21 13.53
N LEU A 83 7.95 -16.45 13.77
CA LEU A 83 6.92 -16.27 12.76
C LEU A 83 7.42 -15.43 11.59
N SER A 84 8.31 -14.48 11.87
CA SER A 84 8.92 -13.68 10.81
C SER A 84 9.74 -14.57 9.89
N ASP A 85 10.48 -15.50 10.49
CA ASP A 85 11.27 -16.47 9.70
C ASP A 85 10.34 -17.25 8.80
N LEU A 86 9.21 -17.70 9.36
CA LEU A 86 8.26 -18.48 8.58
C LEU A 86 7.64 -17.70 7.43
N HIS A 87 7.00 -16.57 7.75
CA HIS A 87 6.23 -15.83 6.75
C HIS A 87 7.13 -15.03 5.80
N ALA A 88 8.19 -14.44 6.33
CA ALA A 88 9.09 -13.69 5.46
C ALA A 88 10.17 -14.56 4.78
N HIS A 89 10.99 -15.31 5.49
CA HIS A 89 12.04 -15.94 4.66
C HIS A 89 11.60 -17.26 3.99
N LYS A 90 10.80 -18.07 4.68
CA LYS A 90 10.42 -19.34 4.09
C LYS A 90 9.21 -19.23 3.15
N LEU A 91 8.14 -18.60 3.61
CA LEU A 91 6.91 -18.54 2.81
C LEU A 91 6.93 -17.42 1.78
N ARG A 92 7.64 -16.34 2.08
CA ARG A 92 7.69 -15.17 1.22
C ARG A 92 6.28 -14.67 0.87
N VAL A 93 5.46 -14.46 1.90
CA VAL A 93 4.10 -13.99 1.69
C VAL A 93 4.10 -12.55 1.19
N ASP A 94 3.37 -12.30 0.11
CA ASP A 94 3.17 -10.93 -0.37
C ASP A 94 2.44 -10.15 0.71
N PRO A 95 2.96 -8.96 1.08
CA PRO A 95 2.35 -8.11 2.10
C PRO A 95 0.87 -7.82 1.87
N VAL A 96 0.42 -7.84 0.62
CA VAL A 96 -0.99 -7.53 0.37
C VAL A 96 -1.89 -8.54 1.09
N ASN A 97 -1.43 -9.77 1.24
CA ASN A 97 -2.24 -10.79 1.88
C ASN A 97 -2.40 -10.56 3.37
N PHE A 98 -1.44 -9.85 3.97
CA PHE A 98 -1.55 -9.52 5.38
C PHE A 98 -2.63 -8.46 5.58
N LYS A 99 -2.76 -7.56 4.61
CA LYS A 99 -3.84 -6.57 4.64
C LYS A 99 -5.21 -7.26 4.53
N LEU A 100 -5.27 -8.31 3.71
CA LEU A 100 -6.51 -9.04 3.53
C LEU A 100 -6.91 -9.76 4.82
N LEU A 101 -5.98 -10.49 5.42
CA LEU A 101 -6.27 -11.18 6.67
C LEU A 101 -6.58 -10.21 7.82
N SER A 102 -5.83 -9.11 7.88
CA SER A 102 -6.07 -8.09 8.89
C SER A 102 -7.49 -7.54 8.80
N HIS A 103 -7.93 -7.19 7.60
CA HIS A 103 -9.32 -6.75 7.36
C HIS A 103 -10.33 -7.81 7.81
N CYS A 104 -10.05 -9.07 7.52
CA CYS A 104 -10.96 -10.15 7.91
C CYS A 104 -11.01 -10.36 9.42
N LEU A 105 -9.90 -10.11 10.09
CA LEU A 105 -9.87 -10.14 11.55
C LEU A 105 -10.71 -9.01 12.13
N LEU A 106 -10.59 -7.83 11.54
CA LEU A 106 -11.41 -6.69 11.96
C LEU A 106 -12.90 -6.99 11.77
N VAL A 107 -13.23 -7.57 10.64
CA VAL A 107 -14.63 -7.90 10.35
C VAL A 107 -15.15 -8.87 11.41
N THR A 108 -14.36 -9.91 11.71
CA THR A 108 -14.74 -10.90 12.71
C THR A 108 -14.96 -10.29 14.09
N LEU A 109 -14.07 -9.40 14.51
CA LEU A 109 -14.20 -8.72 15.79
C LEU A 109 -15.44 -7.80 15.81
N ALA A 110 -15.68 -7.09 14.72
CA ALA A 110 -16.87 -6.23 14.64
C ALA A 110 -18.14 -7.07 14.75
N ALA A 111 -18.12 -8.26 14.17
CA ALA A 111 -19.33 -9.11 14.16
C ALA A 111 -19.60 -9.76 15.51
N HIS A 112 -18.56 -10.01 16.29
CA HIS A 112 -18.69 -10.72 17.56
C HIS A 112 -18.61 -9.80 18.78
N LEU A 113 -17.97 -8.65 18.61
CA LEU A 113 -17.75 -7.76 19.76
C LEU A 113 -18.15 -6.31 19.50
N PRO A 114 -19.43 -6.09 19.11
CA PRO A 114 -19.89 -4.77 18.68
C PRO A 114 -19.63 -3.66 19.71
N ALA A 115 -19.75 -3.96 21.00
CA ALA A 115 -19.53 -2.97 22.03
C ALA A 115 -18.06 -2.57 22.13
N GLU A 116 -17.17 -3.52 21.82
CA GLU A 116 -15.73 -3.26 21.86
C GLU A 116 -15.23 -2.47 20.65
N PHE A 117 -15.92 -2.63 19.52
CA PHE A 117 -15.48 -2.12 18.23
C PHE A 117 -15.90 -0.66 17.95
N THR A 118 -15.48 0.25 18.83
CA THR A 118 -15.67 1.69 18.62
C THR A 118 -14.73 2.21 17.52
N PRO A 119 -14.98 3.42 17.00
CA PRO A 119 -14.08 3.99 15.98
C PRO A 119 -12.63 4.08 16.43
N ALA A 120 -12.38 4.53 17.66
CA ALA A 120 -11.02 4.62 18.17
C ALA A 120 -10.38 3.23 18.29
N VAL A 121 -11.12 2.27 18.82
CA VAL A 121 -10.59 0.92 19.04
C VAL A 121 -10.36 0.21 17.70
N HIS A 122 -11.27 0.47 16.76
CA HIS A 122 -11.08 0.05 15.38
C HIS A 122 -9.76 0.62 14.80
N ALA A 123 -9.49 1.91 15.03
CA ALA A 123 -8.27 2.49 14.50
C ALA A 123 -7.02 1.82 15.12
N SER A 124 -7.07 1.58 16.43
CA SER A 124 -5.94 0.97 17.14
C SER A 124 -5.68 -0.47 16.68
N LEU A 125 -6.75 -1.24 16.56
CA LEU A 125 -6.64 -2.63 16.10
C LEU A 125 -6.06 -2.67 14.69
N ASP A 126 -6.44 -1.70 13.86
CA ASP A 126 -5.92 -1.64 12.50
C ASP A 126 -4.41 -1.39 12.50
N LYS A 127 -3.96 -0.43 13.32
CA LYS A 127 -2.53 -0.14 13.41
C LYS A 127 -1.78 -1.32 14.01
N PHE A 128 -2.37 -1.95 15.01
CA PHE A 128 -1.76 -3.11 15.63
C PHE A 128 -1.53 -4.24 14.61
N LEU A 129 -2.57 -4.59 13.86
CA LEU A 129 -2.46 -5.64 12.84
C LEU A 129 -1.48 -5.22 11.75
N ALA A 130 -1.47 -3.94 11.42
CA ALA A 130 -0.50 -3.42 10.44
C ALA A 130 0.93 -3.63 10.92
N SER A 131 1.13 -3.41 12.21
CA SER A 131 2.47 -3.52 12.81
C SER A 131 2.93 -4.98 12.87
N VAL A 132 2.06 -5.84 13.38
CA VAL A 132 2.31 -7.28 13.35
C VAL A 132 2.63 -7.71 11.92
N SER A 133 1.85 -7.24 10.96
CA SER A 133 2.07 -7.57 9.54
C SER A 133 3.48 -7.19 9.05
N THR A 134 3.87 -5.96 9.36
CA THR A 134 5.20 -5.47 8.98
C THR A 134 6.30 -6.36 9.57
N VAL A 135 6.15 -6.73 10.85
CA VAL A 135 7.12 -7.60 11.49
C VAL A 135 7.19 -8.95 10.79
N LEU A 136 6.04 -9.56 10.53
CA LEU A 136 5.99 -10.88 9.90
C LEU A 136 6.48 -10.90 8.45
N THR A 137 6.57 -9.74 7.80
CA THR A 137 7.01 -9.72 6.40
C THR A 137 8.40 -9.11 6.24
N SER A 138 9.03 -8.73 7.35
CA SER A 138 10.37 -8.13 7.27
C SER A 138 11.45 -9.17 7.51
N LYS A 139 12.52 -9.09 6.74
CA LYS A 139 13.68 -9.93 6.97
C LYS A 139 14.71 -9.12 7.74
N TYR A 140 14.60 -9.17 9.07
CA TYR A 140 15.42 -8.30 9.91
C TYR A 140 16.41 -9.08 10.73
N ARG A 141 16.68 -10.32 10.29
CA ARG A 141 17.61 -11.20 10.98
C ARG A 141 18.92 -11.30 10.21
N VAL B 1 -19.29 -6.98 -12.29
CA VAL B 1 -19.10 -7.97 -11.23
C VAL B 1 -20.07 -9.14 -11.39
N HIS B 2 -19.64 -10.32 -10.94
CA HIS B 2 -20.48 -11.50 -11.07
C HIS B 2 -20.86 -12.04 -9.72
N LEU B 3 -22.10 -11.81 -9.31
CA LEU B 3 -22.63 -12.52 -8.16
C LEU B 3 -23.39 -13.73 -8.66
N THR B 4 -23.45 -14.77 -7.85
CA THR B 4 -24.37 -15.86 -8.13
C THR B 4 -25.76 -15.36 -7.80
N PRO B 5 -26.80 -15.97 -8.39
CA PRO B 5 -28.16 -15.60 -7.97
C PRO B 5 -28.36 -15.77 -6.47
N GLU B 6 -27.72 -16.78 -5.89
CA GLU B 6 -27.76 -17.02 -4.45
C GLU B 6 -27.07 -15.88 -3.70
N GLU B 7 -25.88 -15.51 -4.17
CA GLU B 7 -25.18 -14.35 -3.62
C GLU B 7 -26.00 -13.09 -3.77
N LYS B 8 -26.58 -12.90 -4.95
CA LYS B 8 -27.35 -11.70 -5.22
C LYS B 8 -28.50 -11.59 -4.23
N SER B 9 -29.20 -12.70 -4.00
CA SER B 9 -30.31 -12.73 -3.06
C SER B 9 -29.87 -12.42 -1.63
N ALA B 10 -28.68 -12.88 -1.26
CA ALA B 10 -28.18 -12.63 0.10
C ALA B 10 -27.78 -11.17 0.28
N VAL B 11 -27.13 -10.61 -0.74
CA VAL B 11 -26.74 -9.20 -0.68
C VAL B 11 -27.98 -8.29 -0.57
N THR B 12 -28.93 -8.49 -1.48
CA THR B 12 -30.12 -7.64 -1.51
C THR B 12 -30.96 -7.76 -0.23
N ALA B 13 -31.02 -8.95 0.36
CA ALA B 13 -31.78 -9.15 1.59
C ALA B 13 -31.15 -8.37 2.73
N LEU B 14 -29.83 -8.44 2.80
CA LEU B 14 -29.13 -7.70 3.85
C LEU B 14 -29.29 -6.20 3.65
N TRP B 15 -29.06 -5.74 2.43
CA TRP B 15 -29.08 -4.32 2.12
C TRP B 15 -30.43 -3.69 2.42
N GLY B 16 -31.50 -4.46 2.21
CA GLY B 16 -32.85 -3.99 2.49
C GLY B 16 -33.09 -3.69 3.95
N LYS B 17 -32.22 -4.20 4.82
CA LYS B 17 -32.33 -3.99 6.26
C LYS B 17 -31.45 -2.85 6.77
N VAL B 18 -30.52 -2.41 5.92
CA VAL B 18 -29.55 -1.39 6.29
C VAL B 18 -30.20 -0.08 6.75
N ASN B 19 -29.75 0.46 7.88
CA ASN B 19 -30.20 1.76 8.35
C ASN B 19 -29.59 2.87 7.48
N VAL B 20 -30.36 3.38 6.52
CA VAL B 20 -29.82 4.34 5.56
C VAL B 20 -29.51 5.68 6.21
N ASP B 21 -30.02 5.92 7.41
CA ASP B 21 -29.74 7.16 8.12
C ASP B 21 -28.36 7.19 8.78
N GLU B 22 -27.83 6.02 9.12
CA GLU B 22 -26.62 5.95 9.94
C GLU B 22 -25.43 5.19 9.31
N VAL B 23 -25.72 4.15 8.55
CA VAL B 23 -24.66 3.24 8.10
C VAL B 23 -23.62 3.95 7.23
N GLY B 24 -24.08 4.76 6.28
CA GLY B 24 -23.18 5.54 5.46
C GLY B 24 -22.32 6.53 6.24
N GLY B 25 -22.93 7.25 7.19
CA GLY B 25 -22.20 8.16 8.06
C GLY B 25 -21.16 7.44 8.92
N GLU B 26 -21.52 6.26 9.41
CA GLU B 26 -20.59 5.46 10.21
C GLU B 26 -19.43 4.93 9.38
N ALA B 27 -19.67 4.61 8.12
CA ALA B 27 -18.60 4.16 7.24
C ALA B 27 -17.65 5.32 6.90
N LEU B 28 -18.22 6.47 6.50
CA LEU B 28 -17.40 7.64 6.20
C LEU B 28 -16.69 8.14 7.46
N GLY B 29 -17.41 8.18 8.56
CA GLY B 29 -16.84 8.59 9.84
C GLY B 29 -15.64 7.76 10.26
N ARG B 30 -15.78 6.43 10.20
CA ARG B 30 -14.68 5.54 10.56
C ARG B 30 -13.51 5.68 9.61
N LEU B 31 -13.79 5.92 8.34
CA LEU B 31 -12.73 6.19 7.36
C LEU B 31 -11.87 7.36 7.83
N LEU B 32 -12.53 8.45 8.21
CA LEU B 32 -11.85 9.66 8.67
C LEU B 32 -11.09 9.47 9.98
N VAL B 33 -11.57 8.57 10.82
CA VAL B 33 -10.95 8.30 12.11
C VAL B 33 -9.79 7.33 11.97
N VAL B 34 -9.99 6.27 11.19
CA VAL B 34 -9.00 5.21 11.10
C VAL B 34 -7.87 5.59 10.13
N TYR B 35 -8.21 6.39 9.13
CA TYR B 35 -7.21 6.87 8.19
C TYR B 35 -7.24 8.38 8.12
N PRO B 36 -6.74 9.05 9.17
CA PRO B 36 -6.92 10.49 9.40
C PRO B 36 -6.56 11.37 8.20
N TRP B 37 -5.65 10.91 7.34
CA TRP B 37 -5.27 11.72 6.19
C TRP B 37 -6.45 12.00 5.25
N THR B 38 -7.48 11.15 5.29
CA THR B 38 -8.63 11.35 4.41
C THR B 38 -9.44 12.59 4.82
N GLN B 39 -9.22 13.06 6.04
CA GLN B 39 -9.85 14.28 6.54
C GLN B 39 -9.46 15.51 5.71
N ARG B 40 -8.32 15.43 5.05
CA ARG B 40 -7.82 16.55 4.25
C ARG B 40 -8.76 16.90 3.09
N PHE B 41 -9.62 15.96 2.72
CA PHE B 41 -10.55 16.20 1.63
C PHE B 41 -11.83 16.84 2.13
N PHE B 42 -11.98 16.94 3.45
CA PHE B 42 -13.22 17.43 4.04
C PHE B 42 -13.04 18.61 4.99
N GLU B 43 -12.17 19.55 4.65
CA GLU B 43 -11.88 20.65 5.58
C GLU B 43 -13.11 21.51 5.90
N SER B 44 -14.04 21.59 4.95
CA SER B 44 -15.24 22.40 5.13
C SER B 44 -16.33 21.71 5.96
N PHE B 45 -16.06 20.49 6.43
CA PHE B 45 -17.07 19.75 7.19
C PHE B 45 -17.07 20.14 8.67
N GLY B 46 -16.24 21.10 9.04
CA GLY B 46 -16.22 21.58 10.40
C GLY B 46 -15.37 20.72 11.32
N ASP B 47 -15.90 20.42 12.50
CA ASP B 47 -15.11 19.72 13.53
C ASP B 47 -14.87 18.25 13.18
N LEU B 48 -13.61 17.92 12.92
CA LEU B 48 -13.18 16.53 12.78
C LEU B 48 -12.09 16.21 13.78
N SER B 49 -12.00 17.01 14.84
CA SER B 49 -10.81 17.00 15.69
C SER B 49 -10.69 15.76 16.58
N THR B 50 -11.82 15.13 16.90
CA THR B 50 -11.81 13.92 17.71
C THR B 50 -12.71 12.86 17.06
N PRO B 51 -12.55 11.57 17.43
CA PRO B 51 -13.47 10.56 16.90
C PRO B 51 -14.94 10.87 17.18
N ASP B 52 -15.26 11.21 18.43
CA ASP B 52 -16.63 11.56 18.80
C ASP B 52 -17.15 12.69 17.94
N ALA B 53 -16.30 13.68 17.71
CA ALA B 53 -16.63 14.82 16.86
C ALA B 53 -16.92 14.36 15.43
N VAL B 54 -16.09 13.46 14.91
CA VAL B 54 -16.25 12.95 13.55
C VAL B 54 -17.57 12.20 13.36
N MET B 55 -17.82 11.22 14.21
CA MET B 55 -19.00 10.36 14.05
C MET B 55 -20.29 11.15 14.24
N GLY B 56 -20.27 12.12 15.14
CA GLY B 56 -21.45 12.89 15.47
C GLY B 56 -21.70 14.09 14.56
N ASN B 57 -20.73 14.39 13.71
CA ASN B 57 -20.80 15.56 12.83
C ASN B 57 -21.96 15.46 11.83
N PRO B 58 -22.88 16.44 11.85
CA PRO B 58 -24.03 16.37 10.95
C PRO B 58 -23.63 16.30 9.47
N LYS B 59 -22.56 16.99 9.08
CA LYS B 59 -22.13 16.97 7.68
C LYS B 59 -21.55 15.62 7.28
N VAL B 60 -20.92 14.95 8.22
CA VAL B 60 -20.39 13.62 7.98
C VAL B 60 -21.55 12.63 7.80
N LYS B 61 -22.55 12.70 8.68
CA LYS B 61 -23.73 11.84 8.54
C LYS B 61 -24.44 12.10 7.21
N ALA B 62 -24.60 13.38 6.86
CA ALA B 62 -25.28 13.74 5.62
C ALA B 62 -24.49 13.29 4.40
N HIS B 63 -23.17 13.47 4.43
CA HIS B 63 -22.40 13.07 3.28
C HIS B 63 -22.32 11.55 3.17
N GLY B 64 -22.19 10.87 4.31
CA GLY B 64 -22.19 9.41 4.32
C GLY B 64 -23.46 8.81 3.73
N LYS B 65 -24.57 9.51 3.89
CA LYS B 65 -25.83 9.05 3.35
C LYS B 65 -25.80 9.09 1.82
N LYS B 66 -25.10 10.08 1.27
CA LYS B 66 -24.91 10.15 -0.17
C LYS B 66 -24.01 9.02 -0.65
N VAL B 67 -22.96 8.74 0.13
CA VAL B 67 -22.05 7.65 -0.20
C VAL B 67 -22.81 6.32 -0.21
N LEU B 68 -23.61 6.08 0.82
CA LEU B 68 -24.43 4.87 0.88
C LEU B 68 -25.37 4.80 -0.33
N GLY B 69 -25.95 5.94 -0.69
CA GLY B 69 -26.84 6.03 -1.83
C GLY B 69 -26.17 5.67 -3.14
N ALA B 70 -24.90 6.04 -3.27
CA ALA B 70 -24.12 5.65 -4.44
C ALA B 70 -23.90 4.13 -4.46
N PHE B 71 -23.63 3.55 -3.30
CA PHE B 71 -23.50 2.08 -3.24
C PHE B 71 -24.83 1.42 -3.61
N SER B 72 -25.94 1.99 -3.14
CA SER B 72 -27.27 1.51 -3.52
C SER B 72 -27.52 1.50 -5.04
N ASP B 73 -27.10 2.56 -5.71
CA ASP B 73 -27.22 2.63 -7.16
C ASP B 73 -26.30 1.62 -7.82
N GLY B 74 -25.16 1.36 -7.19
CA GLY B 74 -24.24 0.35 -7.68
C GLY B 74 -24.91 -1.02 -7.63
N LEU B 75 -25.50 -1.32 -6.47
CA LEU B 75 -26.21 -2.58 -6.29
C LEU B 75 -27.32 -2.78 -7.31
N ALA B 76 -27.96 -1.67 -7.70
CA ALA B 76 -29.08 -1.75 -8.65
C ALA B 76 -28.62 -1.72 -10.10
N HIS B 77 -27.31 -1.67 -10.32
CA HIS B 77 -26.78 -1.62 -11.68
C HIS B 77 -25.44 -2.36 -11.77
N LEU B 78 -25.41 -3.59 -11.29
CA LEU B 78 -24.19 -4.38 -11.24
C LEU B 78 -23.65 -4.72 -12.61
N ASP B 79 -24.51 -4.67 -13.63
CA ASP B 79 -24.09 -4.96 -14.98
C ASP B 79 -23.49 -3.73 -15.66
N ASN B 80 -23.67 -2.56 -15.07
CA ASN B 80 -23.09 -1.35 -15.64
C ASN B 80 -22.53 -0.39 -14.59
N LEU B 81 -21.52 -0.81 -13.87
CA LEU B 81 -20.94 -0.01 -12.80
C LEU B 81 -20.12 1.16 -13.33
N LYS B 82 -19.44 0.95 -14.45
CA LYS B 82 -18.59 1.99 -15.01
C LYS B 82 -19.43 3.15 -15.54
N GLY B 83 -20.62 2.85 -16.06
CA GLY B 83 -21.50 3.88 -16.55
C GLY B 83 -22.16 4.61 -15.40
N THR B 84 -22.57 3.84 -14.39
CA THR B 84 -23.29 4.37 -13.24
C THR B 84 -22.46 5.36 -12.45
N PHE B 85 -21.16 5.08 -12.34
CA PHE B 85 -20.26 5.90 -11.55
C PHE B 85 -19.42 6.85 -12.40
N ALA B 86 -19.75 6.94 -13.68
CA ALA B 86 -18.96 7.75 -14.62
C ALA B 86 -18.78 9.17 -14.12
N THR B 87 -19.87 9.79 -13.70
CA THR B 87 -19.84 11.15 -13.17
C THR B 87 -18.96 11.23 -11.93
N LEU B 88 -19.21 10.32 -10.99
CA LEU B 88 -18.48 10.31 -9.73
C LEU B 88 -16.98 10.08 -9.94
N SER B 89 -16.64 9.26 -10.92
CA SER B 89 -15.24 8.98 -11.23
C SER B 89 -14.51 10.25 -11.68
N GLU B 90 -15.12 10.98 -12.60
CA GLU B 90 -14.53 12.25 -13.03
C GLU B 90 -14.40 13.21 -11.85
N LEU B 91 -15.39 13.22 -10.96
CA LEU B 91 -15.27 14.05 -9.77
C LEU B 91 -14.09 13.62 -8.88
N HIS B 92 -14.06 12.34 -8.52
CA HIS B 92 -13.09 11.88 -7.53
C HIS B 92 -11.66 11.84 -8.06
N CYS B 93 -11.50 11.53 -9.34
CA CYS B 93 -10.17 11.42 -9.95
C CYS B 93 -9.64 12.74 -10.53
N ASP B 94 -10.37 13.29 -11.51
CA ASP B 94 -9.97 14.50 -12.21
C ASP B 94 -9.97 15.75 -11.35
N LYS B 95 -10.95 15.85 -10.44
CA LYS B 95 -11.09 17.05 -9.61
C LYS B 95 -10.41 16.90 -8.25
N LEU B 96 -10.83 15.89 -7.48
CA LEU B 96 -10.37 15.73 -6.11
C LEU B 96 -9.01 15.05 -6.00
N HIS B 97 -8.63 14.32 -7.03
CA HIS B 97 -7.37 13.58 -7.06
C HIS B 97 -7.22 12.67 -5.84
N VAL B 98 -8.29 11.96 -5.52
CA VAL B 98 -8.28 10.95 -4.47
C VAL B 98 -7.45 9.75 -4.91
N ASP B 99 -6.48 9.34 -4.09
CA ASP B 99 -5.66 8.19 -4.44
C ASP B 99 -6.51 6.91 -4.43
N PRO B 100 -6.45 6.11 -5.51
CA PRO B 100 -7.30 4.93 -5.68
C PRO B 100 -7.33 3.98 -4.47
N GLU B 101 -6.21 3.91 -3.74
CA GLU B 101 -6.15 3.04 -2.57
C GLU B 101 -7.20 3.41 -1.52
N ASN B 102 -7.50 4.70 -1.45
CA ASN B 102 -8.50 5.20 -0.51
C ASN B 102 -9.92 4.70 -0.83
N PHE B 103 -10.22 4.50 -2.12
CA PHE B 103 -11.50 3.93 -2.54
C PHE B 103 -11.69 2.55 -1.93
N ARG B 104 -10.62 1.76 -2.01
CA ARG B 104 -10.62 0.41 -1.47
C ARG B 104 -10.77 0.43 0.03
N LEU B 105 -10.11 1.39 0.69
CA LEU B 105 -10.20 1.52 2.14
C LEU B 105 -11.63 1.76 2.60
N LEU B 106 -12.34 2.65 1.91
CA LEU B 106 -13.71 2.98 2.28
C LEU B 106 -14.66 1.81 2.06
N GLY B 107 -14.46 1.12 0.95
CA GLY B 107 -15.24 -0.06 0.63
C GLY B 107 -15.12 -1.10 1.74
N ASN B 108 -13.91 -1.29 2.25
CA ASN B 108 -13.70 -2.27 3.30
C ASN B 108 -14.20 -1.77 4.66
N VAL B 109 -14.16 -0.46 4.88
CA VAL B 109 -14.73 0.12 6.10
C VAL B 109 -16.24 -0.10 6.11
N LEU B 110 -16.87 0.08 4.95
CA LEU B 110 -18.29 -0.19 4.82
C LEU B 110 -18.56 -1.62 5.25
N VAL B 111 -17.74 -2.55 4.78
CA VAL B 111 -17.89 -3.95 5.16
C VAL B 111 -17.80 -4.14 6.68
N CYS B 112 -16.85 -3.48 7.32
CA CYS B 112 -16.73 -3.58 8.77
C CYS B 112 -18.00 -3.05 9.45
N VAL B 113 -18.57 -1.99 8.91
CA VAL B 113 -19.78 -1.39 9.49
C VAL B 113 -20.98 -2.33 9.34
N LEU B 114 -21.10 -2.96 8.18
CA LEU B 114 -22.14 -3.97 7.96
C LEU B 114 -22.00 -5.12 8.95
N ALA B 115 -20.77 -5.59 9.13
CA ALA B 115 -20.47 -6.60 10.15
C ALA B 115 -20.88 -6.10 11.53
N HIS B 116 -20.51 -4.86 11.84
CA HIS B 116 -20.80 -4.25 13.13
C HIS B 116 -22.30 -4.24 13.41
N HIS B 117 -23.07 -3.86 12.39
CA HIS B 117 -24.52 -3.73 12.54
C HIS B 117 -25.24 -5.07 12.59
N PHE B 118 -24.82 -6.02 11.76
CA PHE B 118 -25.61 -7.22 11.56
C PHE B 118 -25.11 -8.45 12.33
N GLY B 119 -23.90 -8.35 12.87
CA GLY B 119 -23.35 -9.43 13.66
C GLY B 119 -23.25 -10.74 12.89
N LYS B 120 -23.79 -11.80 13.48
CA LYS B 120 -23.66 -13.14 12.90
C LYS B 120 -24.39 -13.30 11.58
N GLU B 121 -25.36 -12.43 11.32
CA GLU B 121 -26.07 -12.43 10.04
C GLU B 121 -25.07 -12.09 8.91
N PHE B 122 -24.02 -11.35 9.24
CA PHE B 122 -22.97 -11.06 8.26
C PHE B 122 -22.00 -12.22 8.17
N THR B 123 -22.46 -13.31 7.58
CA THR B 123 -21.69 -14.55 7.46
C THR B 123 -20.48 -14.39 6.54
N PRO B 124 -19.51 -15.32 6.62
CA PRO B 124 -18.42 -15.28 5.64
C PRO B 124 -18.89 -15.34 4.17
N PRO B 125 -19.92 -16.15 3.84
CA PRO B 125 -20.34 -16.08 2.43
C PRO B 125 -21.01 -14.75 2.09
N VAL B 126 -21.69 -14.14 3.04
CA VAL B 126 -22.31 -12.84 2.80
C VAL B 126 -21.22 -11.80 2.57
N GLN B 127 -20.21 -11.82 3.42
CA GLN B 127 -19.06 -10.94 3.24
C GLN B 127 -18.38 -11.11 1.88
N ALA B 128 -18.19 -12.37 1.48
CA ALA B 128 -17.50 -12.63 0.21
C ALA B 128 -18.25 -12.01 -0.95
N ALA B 129 -19.58 -12.08 -0.92
CA ALA B 129 -20.40 -11.42 -1.94
C ALA B 129 -20.26 -9.90 -1.86
N TYR B 130 -20.26 -9.36 -0.66
CA TYR B 130 -20.11 -7.91 -0.52
C TYR B 130 -18.71 -7.46 -0.93
N GLN B 131 -17.71 -8.31 -0.78
CA GLN B 131 -16.37 -7.91 -1.18
C GLN B 131 -16.30 -7.76 -2.71
N LYS B 132 -17.03 -8.59 -3.43
CA LYS B 132 -17.15 -8.44 -4.88
C LYS B 132 -17.76 -7.08 -5.27
N VAL B 133 -18.80 -6.69 -4.54
CA VAL B 133 -19.49 -5.41 -4.77
C VAL B 133 -18.58 -4.21 -4.52
N VAL B 134 -17.92 -4.18 -3.36
CA VAL B 134 -17.13 -3.01 -3.03
C VAL B 134 -15.88 -2.92 -3.91
N ALA B 135 -15.35 -4.07 -4.32
CA ALA B 135 -14.25 -4.07 -5.29
C ALA B 135 -14.73 -3.51 -6.63
N GLY B 136 -15.92 -3.93 -7.04
CA GLY B 136 -16.50 -3.46 -8.28
C GLY B 136 -16.76 -1.96 -8.25
N VAL B 137 -17.35 -1.49 -7.15
CA VAL B 137 -17.63 -0.06 -7.00
C VAL B 137 -16.33 0.73 -6.99
N ALA B 138 -15.33 0.25 -6.25
CA ALA B 138 -14.09 1.00 -6.10
C ALA B 138 -13.38 1.14 -7.44
N ASN B 139 -13.36 0.04 -8.21
CA ASN B 139 -12.75 0.05 -9.52
C ASN B 139 -13.45 1.01 -10.48
N ALA B 140 -14.78 1.01 -10.42
CA ALA B 140 -15.58 1.92 -11.22
C ALA B 140 -15.30 3.39 -10.90
N LEU B 141 -14.95 3.68 -9.64
CA LEU B 141 -14.66 5.06 -9.29
C LEU B 141 -13.28 5.53 -9.77
N ALA B 142 -12.37 4.58 -10.02
CA ALA B 142 -10.97 4.91 -10.30
C ALA B 142 -10.67 4.89 -11.78
N HIS B 143 -11.71 4.77 -12.61
CA HIS B 143 -11.58 4.13 -13.90
C HIS B 143 -11.30 5.19 -14.94
N LYS B 144 -11.47 6.45 -14.53
CA LYS B 144 -10.96 7.63 -15.26
C LYS B 144 -9.48 7.92 -14.94
N TYR B 145 -8.89 7.08 -14.09
CA TYR B 145 -7.44 7.04 -13.94
C TYR B 145 -6.87 6.09 -14.99
N HIS B 146 -7.66 5.09 -15.36
CA HIS B 146 -7.24 4.09 -16.33
C HIS B 146 -7.35 4.64 -17.75
N VAL C 1 11.04 -3.01 10.02
CA VAL C 1 12.08 -3.45 10.94
C VAL C 1 13.39 -3.64 10.19
N LEU C 2 14.45 -3.00 10.65
CA LEU C 2 15.74 -3.07 9.95
C LEU C 2 16.65 -4.15 10.53
N SER C 3 17.34 -4.86 9.65
CA SER C 3 18.33 -5.85 10.05
C SER C 3 19.61 -5.13 10.44
N PRO C 4 20.52 -5.81 11.16
CA PRO C 4 21.80 -5.15 11.44
C PRO C 4 22.51 -4.74 10.14
N ALA C 5 22.39 -5.56 9.11
CA ALA C 5 23.06 -5.25 7.85
C ALA C 5 22.41 -4.02 7.21
N ASP C 6 21.09 -3.91 7.32
CA ASP C 6 20.39 -2.72 6.84
C ASP C 6 20.94 -1.46 7.50
N LYS C 7 21.08 -1.49 8.81
CA LYS C 7 21.55 -0.33 9.54
C LYS C 7 22.97 0.03 9.10
N THR C 8 23.79 -1.00 8.92
CA THR C 8 25.16 -0.80 8.44
C THR C 8 25.17 -0.15 7.06
N ASN C 9 24.35 -0.68 6.15
CA ASN C 9 24.26 -0.13 4.80
C ASN C 9 23.76 1.31 4.77
N VAL C 10 22.73 1.60 5.54
CA VAL C 10 22.16 2.94 5.56
C VAL C 10 23.18 3.95 6.11
N LYS C 11 23.83 3.61 7.21
CA LYS C 11 24.81 4.53 7.79
C LYS C 11 25.96 4.79 6.82
N ALA C 12 26.45 3.74 6.18
CA ALA C 12 27.57 3.87 5.24
C ALA C 12 27.20 4.74 4.03
N ALA C 13 26.04 4.47 3.43
CA ALA C 13 25.64 5.18 2.23
C ALA C 13 25.23 6.63 2.53
N TRP C 14 24.51 6.84 3.63
CA TRP C 14 24.07 8.19 3.95
C TRP C 14 25.26 9.01 4.45
N GLY C 15 26.18 8.34 5.12
CA GLY C 15 27.43 8.97 5.52
C GLY C 15 28.14 9.59 4.33
N LYS C 16 28.04 8.93 3.18
CA LYS C 16 28.71 9.40 1.97
C LYS C 16 28.00 10.59 1.34
N VAL C 17 26.75 10.81 1.72
CA VAL C 17 26.04 12.02 1.30
C VAL C 17 26.75 13.24 1.87
N GLY C 18 27.09 13.15 3.15
CA GLY C 18 27.84 14.20 3.84
C GLY C 18 27.34 15.62 3.63
N ALA C 19 28.20 16.45 3.05
CA ALA C 19 27.88 17.86 2.86
C ALA C 19 26.91 18.12 1.71
N HIS C 20 26.52 17.09 0.98
CA HIS C 20 25.59 17.26 -0.13
C HIS C 20 24.13 17.16 0.30
N ALA C 21 23.92 17.29 1.62
CA ALA C 21 22.62 17.12 2.26
C ALA C 21 21.53 17.97 1.65
N GLY C 22 21.68 19.29 1.77
CA GLY C 22 20.73 20.24 1.21
C GLY C 22 20.51 20.07 -0.28
N GLU C 23 21.59 19.73 -1.00
CA GLU C 23 21.52 19.58 -2.45
C GLU C 23 20.66 18.40 -2.86
N TYR C 24 20.90 17.24 -2.23
CA TYR C 24 20.15 16.04 -2.57
C TYR C 24 18.72 16.14 -2.05
N GLY C 25 18.55 16.74 -0.88
CA GLY C 25 17.23 16.98 -0.33
C GLY C 25 16.37 17.83 -1.25
N ALA C 26 16.94 18.94 -1.71
CA ALA C 26 16.22 19.84 -2.62
C ALA C 26 15.93 19.18 -3.97
N GLU C 27 16.86 18.36 -4.44
CA GLU C 27 16.66 17.68 -5.71
C GLU C 27 15.52 16.68 -5.61
N ALA C 28 15.45 15.94 -4.51
CA ALA C 28 14.40 14.95 -4.33
C ALA C 28 13.02 15.60 -4.26
N LEU C 29 12.97 16.75 -3.60
CA LEU C 29 11.76 17.54 -3.51
C LEU C 29 11.31 18.00 -4.91
N GLU C 30 12.24 18.58 -5.66
CA GLU C 30 11.91 19.06 -7.00
C GLU C 30 11.50 17.93 -7.94
N ARG C 31 12.11 16.75 -7.78
CA ARG C 31 11.73 15.57 -8.55
C ARG C 31 10.31 15.15 -8.21
N MET C 32 9.98 15.22 -6.93
CA MET C 32 8.64 14.86 -6.47
C MET C 32 7.60 15.82 -7.04
N PHE C 33 7.81 17.11 -6.80
CA PHE C 33 6.85 18.13 -7.23
C PHE C 33 6.61 18.07 -8.73
N LEU C 34 7.65 17.76 -9.49
CA LEU C 34 7.56 17.70 -10.94
C LEU C 34 6.95 16.37 -11.43
N SER C 35 7.37 15.26 -10.83
CA SER C 35 6.86 13.95 -11.26
C SER C 35 5.44 13.70 -10.76
N PHE C 36 5.15 14.21 -9.57
CA PHE C 36 3.89 13.94 -8.91
C PHE C 36 3.27 15.26 -8.44
N PRO C 37 2.72 16.04 -9.38
CA PRO C 37 2.34 17.42 -9.09
C PRO C 37 1.28 17.59 -7.98
N THR C 38 0.54 16.53 -7.66
CA THR C 38 -0.46 16.65 -6.60
C THR C 38 0.19 16.89 -5.25
N THR C 39 1.45 16.47 -5.10
CA THR C 39 2.16 16.67 -3.84
C THR C 39 2.40 18.14 -3.55
N LYS C 40 2.33 18.99 -4.58
CA LYS C 40 2.53 20.42 -4.40
C LYS C 40 1.46 21.03 -3.50
N THR C 41 0.27 20.43 -3.51
CA THR C 41 -0.84 20.97 -2.74
C THR C 41 -0.61 20.90 -1.22
N TYR C 42 0.42 20.18 -0.78
CA TYR C 42 0.76 20.18 0.63
C TYR C 42 1.55 21.42 1.00
N PHE C 43 2.03 22.13 -0.02
CA PHE C 43 2.82 23.36 0.19
C PHE C 43 2.17 24.58 -0.48
N PRO C 44 0.93 24.91 -0.08
CA PRO C 44 0.19 25.94 -0.81
C PRO C 44 0.86 27.33 -0.83
N HIS C 45 1.58 27.69 0.21
CA HIS C 45 2.14 29.05 0.28
C HIS C 45 3.62 29.08 -0.06
N PHE C 46 4.14 27.97 -0.57
CA PHE C 46 5.54 27.87 -0.93
C PHE C 46 5.83 28.46 -2.31
N ASP C 47 7.04 28.98 -2.47
CA ASP C 47 7.60 29.26 -3.79
C ASP C 47 8.24 27.96 -4.28
N LEU C 48 7.56 27.26 -5.19
CA LEU C 48 8.05 25.98 -5.68
C LEU C 48 8.63 26.06 -7.09
N SER C 49 9.01 27.26 -7.52
CA SER C 49 9.65 27.44 -8.81
C SER C 49 10.98 26.70 -8.82
N HIS C 50 11.47 26.35 -10.00
CA HIS C 50 12.75 25.64 -10.10
C HIS C 50 13.89 26.48 -9.54
N GLY C 51 14.68 25.90 -8.64
CA GLY C 51 15.86 26.58 -8.12
C GLY C 51 15.54 27.47 -6.95
N SER C 52 14.28 27.45 -6.54
CA SER C 52 13.75 28.25 -5.44
C SER C 52 14.63 28.15 -4.21
N ALA C 53 14.93 29.30 -3.61
CA ALA C 53 15.65 29.34 -2.35
C ALA C 53 14.84 28.61 -1.28
N GLN C 54 13.52 28.77 -1.30
CA GLN C 54 12.69 28.12 -0.28
C GLN C 54 12.80 26.60 -0.33
N VAL C 55 12.81 26.04 -1.55
CA VAL C 55 12.94 24.59 -1.74
C VAL C 55 14.34 24.10 -1.39
N LYS C 56 15.34 24.92 -1.69
CA LYS C 56 16.69 24.68 -1.24
C LYS C 56 16.71 24.55 0.28
N GLY C 57 16.09 25.51 0.95
CA GLY C 57 16.06 25.54 2.39
C GLY C 57 15.32 24.34 2.95
N HIS C 58 14.24 23.96 2.29
CA HIS C 58 13.44 22.87 2.80
C HIS C 58 14.13 21.53 2.60
N GLY C 59 14.81 21.35 1.46
CA GLY C 59 15.59 20.15 1.20
C GLY C 59 16.67 19.92 2.26
N LYS C 60 17.29 21.00 2.69
CA LYS C 60 18.27 20.92 3.76
C LYS C 60 17.59 20.47 5.05
N LYS C 61 16.38 20.96 5.31
CA LYS C 61 15.66 20.56 6.51
C LYS C 61 15.32 19.07 6.45
N VAL C 62 14.83 18.62 5.29
CA VAL C 62 14.48 17.21 5.11
C VAL C 62 15.71 16.32 5.21
N ALA C 63 16.80 16.75 4.59
CA ALA C 63 18.03 15.96 4.61
C ALA C 63 18.58 15.84 6.03
N ASP C 64 18.57 16.94 6.77
CA ASP C 64 19.11 16.94 8.14
C ASP C 64 18.28 16.04 9.06
N ALA C 65 16.98 16.00 8.82
CA ALA C 65 16.08 15.13 9.57
C ALA C 65 16.43 13.66 9.35
N LEU C 66 16.73 13.31 8.10
CA LEU C 66 17.14 11.96 7.77
C LEU C 66 18.48 11.63 8.44
N THR C 67 19.41 12.58 8.42
CA THR C 67 20.68 12.39 9.10
C THR C 67 20.46 12.09 10.60
N ASN C 68 19.54 12.82 11.22
CA ASN C 68 19.13 12.58 12.59
C ASN C 68 18.54 11.18 12.76
N ALA C 69 17.63 10.81 11.87
CA ALA C 69 17.06 9.46 11.87
C ALA C 69 18.15 8.39 11.79
N VAL C 70 19.10 8.58 10.87
CA VAL C 70 20.19 7.61 10.73
C VAL C 70 20.97 7.50 12.03
N ALA C 71 21.24 8.64 12.66
CA ALA C 71 22.00 8.66 13.91
C ALA C 71 21.22 8.01 15.06
N HIS C 72 19.90 7.95 14.94
CA HIS C 72 19.09 7.31 15.98
C HIS C 72 18.25 6.18 15.43
N VAL C 73 18.87 5.36 14.59
CA VAL C 73 18.13 4.36 13.84
C VAL C 73 17.46 3.33 14.77
N ASP C 74 17.91 3.25 16.01
CA ASP C 74 17.31 2.33 16.98
C ASP C 74 16.35 3.02 17.95
N ASP C 75 16.07 4.29 17.71
CA ASP C 75 15.27 5.07 18.64
C ASP C 75 14.43 6.10 17.88
N MET C 76 13.99 5.72 16.68
CA MET C 76 13.38 6.68 15.76
C MET C 76 12.06 7.30 16.23
N PRO C 77 11.15 6.52 16.85
CA PRO C 77 9.91 7.18 17.30
C PRO C 77 10.18 8.30 18.31
N ASN C 78 11.13 8.08 19.20
CA ASN C 78 11.54 9.10 20.14
C ASN C 78 12.20 10.28 19.43
N ALA C 79 13.13 9.98 18.54
CA ALA C 79 13.90 11.00 17.83
C ALA C 79 13.05 11.85 16.87
N LEU C 80 12.04 11.24 16.26
CA LEU C 80 11.28 11.92 15.22
C LEU C 80 9.91 12.41 15.73
N SER C 81 9.71 12.36 17.04
CA SER C 81 8.42 12.64 17.64
C SER C 81 7.81 13.96 17.17
N ALA C 82 8.61 15.02 17.16
CA ALA C 82 8.12 16.32 16.71
C ALA C 82 7.77 16.29 15.22
N LEU C 83 8.54 15.52 14.44
CA LEU C 83 8.24 15.43 13.01
C LEU C 83 6.97 14.64 12.77
N SER C 84 6.70 13.67 13.64
CA SER C 84 5.45 12.92 13.57
C SER C 84 4.26 13.81 13.91
N ASP C 85 4.40 14.62 14.96
CA ASP C 85 3.38 15.62 15.31
C ASP C 85 2.97 16.43 14.08
N LEU C 86 3.96 16.96 13.36
CA LEU C 86 3.71 17.79 12.19
C LEU C 86 3.03 17.04 11.04
N HIS C 87 3.62 15.93 10.61
CA HIS C 87 3.13 15.25 9.40
C HIS C 87 1.86 14.43 9.64
N ALA C 88 1.76 13.80 10.81
CA ALA C 88 0.66 12.90 11.13
C ALA C 88 -0.55 13.62 11.73
N HIS C 89 -0.32 14.48 12.72
CA HIS C 89 -1.43 15.13 13.41
C HIS C 89 -1.86 16.42 12.72
N LYS C 90 -0.91 17.31 12.45
CA LYS C 90 -1.23 18.60 11.85
C LYS C 90 -1.56 18.44 10.36
N LEU C 91 -0.57 18.04 9.58
CA LEU C 91 -0.71 17.98 8.14
C LEU C 91 -1.56 16.81 7.67
N ARG C 92 -1.51 15.71 8.42
CA ARG C 92 -2.18 14.46 8.04
C ARG C 92 -1.84 14.04 6.61
N VAL C 93 -0.55 13.80 6.38
CA VAL C 93 -0.09 13.43 5.05
C VAL C 93 -0.50 12.00 4.71
N ASP C 94 -1.07 11.83 3.52
CA ASP C 94 -1.41 10.52 2.99
C ASP C 94 -0.13 9.71 2.81
N PRO C 95 -0.06 8.52 3.42
CA PRO C 95 1.17 7.72 3.36
C PRO C 95 1.65 7.48 1.93
N VAL C 96 0.77 7.49 0.94
CA VAL C 96 1.20 7.33 -0.46
C VAL C 96 2.23 8.38 -0.86
N ASN C 97 2.10 9.57 -0.31
CA ASN C 97 3.00 10.65 -0.64
C ASN C 97 4.40 10.39 -0.09
N PHE C 98 4.49 9.75 1.07
CA PHE C 98 5.80 9.38 1.61
C PHE C 98 6.47 8.34 0.70
N LYS C 99 5.69 7.46 0.08
CA LYS C 99 6.25 6.51 -0.88
C LYS C 99 6.85 7.24 -2.08
N LEU C 100 6.19 8.32 -2.48
CA LEU C 100 6.64 9.14 -3.60
C LEU C 100 7.96 9.85 -3.29
N LEU C 101 8.04 10.53 -2.15
CA LEU C 101 9.30 11.18 -1.78
C LEU C 101 10.41 10.15 -1.56
N SER C 102 10.10 9.03 -0.91
CA SER C 102 11.09 8.00 -0.66
C SER C 102 11.70 7.52 -1.99
N HIS C 103 10.85 7.24 -2.98
CA HIS C 103 11.32 6.86 -4.32
C HIS C 103 12.20 7.94 -4.95
N CYS C 104 11.78 9.21 -4.85
CA CYS C 104 12.57 10.30 -5.42
C CYS C 104 13.90 10.47 -4.67
N LEU C 105 13.93 10.13 -3.39
CA LEU C 105 15.18 10.20 -2.63
C LEU C 105 16.12 9.11 -3.14
N LEU C 106 15.58 7.92 -3.40
CA LEU C 106 16.35 6.82 -3.96
C LEU C 106 16.87 7.16 -5.37
N VAL C 107 16.01 7.73 -6.21
CA VAL C 107 16.41 8.18 -7.55
C VAL C 107 17.58 9.18 -7.47
N THR C 108 17.48 10.13 -6.55
CA THR C 108 18.54 11.13 -6.36
C THR C 108 19.86 10.50 -5.89
N LEU C 109 19.77 9.57 -4.94
CA LEU C 109 20.96 8.89 -4.47
C LEU C 109 21.59 8.09 -5.62
N ALA C 110 20.75 7.40 -6.39
CA ALA C 110 21.27 6.62 -7.52
C ALA C 110 21.92 7.52 -8.58
N ALA C 111 21.34 8.69 -8.81
CA ALA C 111 21.87 9.60 -9.81
C ALA C 111 23.20 10.22 -9.38
N HIS C 112 23.44 10.30 -8.06
CA HIS C 112 24.62 10.97 -7.55
C HIS C 112 25.68 10.02 -6.98
N LEU C 113 25.27 8.83 -6.57
CA LEU C 113 26.18 7.92 -5.87
C LEU C 113 26.21 6.51 -6.48
N PRO C 114 26.55 6.41 -7.77
CA PRO C 114 26.40 5.14 -8.50
C PRO C 114 27.18 3.97 -7.89
N ALA C 115 28.36 4.25 -7.36
CA ALA C 115 29.21 3.20 -6.81
C ALA C 115 28.62 2.61 -5.54
N GLU C 116 27.91 3.44 -4.79
CA GLU C 116 27.36 3.02 -3.51
C GLU C 116 25.96 2.42 -3.63
N PHE C 117 25.25 2.77 -4.70
CA PHE C 117 23.88 2.32 -4.84
C PHE C 117 23.78 0.90 -5.37
N THR C 118 24.31 -0.05 -4.60
CA THR C 118 24.26 -1.47 -4.95
C THR C 118 22.86 -2.03 -4.70
N PRO C 119 22.56 -3.23 -5.26
CA PRO C 119 21.25 -3.79 -4.94
C PRO C 119 21.00 -3.95 -3.44
N ALA C 120 21.99 -4.42 -2.68
CA ALA C 120 21.80 -4.60 -1.25
C ALA C 120 21.59 -3.28 -0.50
N VAL C 121 22.30 -2.23 -0.92
CA VAL C 121 22.19 -0.92 -0.30
C VAL C 121 20.89 -0.21 -0.70
N HIS C 122 20.52 -0.36 -1.97
CA HIS C 122 19.21 0.04 -2.49
C HIS C 122 18.10 -0.53 -1.59
N ALA C 123 18.15 -1.85 -1.37
CA ALA C 123 17.16 -2.54 -0.55
C ALA C 123 17.11 -1.99 0.88
N SER C 124 18.28 -1.76 1.47
CA SER C 124 18.35 -1.30 2.85
C SER C 124 17.86 0.14 2.98
N LEU C 125 18.20 0.96 1.98
CA LEU C 125 17.74 2.36 1.97
C LEU C 125 16.23 2.44 1.80
N ASP C 126 15.68 1.49 1.04
CA ASP C 126 14.24 1.47 0.81
C ASP C 126 13.50 1.14 2.10
N LYS C 127 14.00 0.15 2.83
CA LYS C 127 13.37 -0.24 4.09
C LYS C 127 13.49 0.87 5.12
N PHE C 128 14.66 1.51 5.15
CA PHE C 128 14.89 2.61 6.07
C PHE C 128 13.90 3.76 5.81
N LEU C 129 13.75 4.16 4.55
CA LEU C 129 12.85 5.25 4.23
C LEU C 129 11.39 4.84 4.45
N ALA C 130 11.09 3.56 4.27
CA ALA C 130 9.75 3.06 4.57
C ALA C 130 9.48 3.15 6.07
N SER C 131 10.49 2.81 6.87
CA SER C 131 10.35 2.84 8.32
C SER C 131 10.19 4.28 8.82
N VAL C 132 11.00 5.19 8.27
CA VAL C 132 10.91 6.60 8.63
C VAL C 132 9.52 7.14 8.30
N SER C 133 9.01 6.75 7.14
CA SER C 133 7.69 7.17 6.68
C SER C 133 6.59 6.69 7.60
N THR C 134 6.70 5.44 8.07
CA THR C 134 5.74 4.89 9.00
C THR C 134 5.72 5.70 10.30
N VAL C 135 6.91 5.99 10.82
CA VAL C 135 7.04 6.78 12.04
C VAL C 135 6.41 8.16 11.85
N LEU C 136 6.67 8.80 10.71
CA LEU C 136 6.17 10.17 10.49
C LEU C 136 4.66 10.26 10.29
N THR C 137 4.06 9.18 9.81
CA THR C 137 2.64 9.18 9.46
C THR C 137 1.73 8.65 10.56
N SER C 138 2.32 8.15 11.63
CA SER C 138 1.49 7.58 12.68
C SER C 138 1.43 8.48 13.90
N LYS C 139 0.23 8.59 14.47
CA LYS C 139 0.05 9.30 15.73
C LYS C 139 0.30 8.34 16.88
N TYR C 140 1.47 8.46 17.53
CA TYR C 140 1.81 7.60 18.65
C TYR C 140 1.97 8.39 19.95
N ARG C 141 1.41 9.59 19.97
CA ARG C 141 1.24 10.37 21.19
C ARG C 141 -0.23 10.37 21.57
N VAL D 1 -3.30 7.49 -21.67
CA VAL D 1 -2.63 7.56 -22.96
C VAL D 1 -2.24 8.99 -23.29
N HIS D 2 -1.97 9.77 -22.25
CA HIS D 2 -1.55 11.14 -22.42
C HIS D 2 -0.10 11.19 -22.89
N LEU D 3 0.79 11.54 -21.96
CA LEU D 3 2.12 12.02 -22.29
C LEU D 3 2.03 13.18 -23.28
N THR D 4 2.49 14.35 -22.85
CA THR D 4 2.62 15.48 -23.73
C THR D 4 3.58 15.16 -24.86
N PRO D 5 3.53 15.94 -25.95
CA PRO D 5 4.54 15.76 -27.00
C PRO D 5 5.96 15.87 -26.44
N GLU D 6 6.19 16.83 -25.55
CA GLU D 6 7.52 17.02 -24.97
C GLU D 6 7.94 15.84 -24.11
N GLU D 7 7.00 15.26 -23.38
CA GLU D 7 7.28 14.07 -22.59
C GLU D 7 7.63 12.88 -23.51
N LYS D 8 6.89 12.71 -24.59
CA LYS D 8 7.21 11.62 -25.52
C LYS D 8 8.61 11.80 -26.09
N SER D 9 8.93 13.01 -26.55
CA SER D 9 10.25 13.28 -27.11
C SER D 9 11.37 12.93 -26.12
N ALA D 10 11.23 13.35 -24.87
CA ALA D 10 12.26 13.12 -23.85
C ALA D 10 12.44 11.63 -23.57
N VAL D 11 11.33 10.92 -23.47
CA VAL D 11 11.34 9.48 -23.20
C VAL D 11 12.00 8.72 -24.36
N THR D 12 11.57 9.03 -25.58
CA THR D 12 12.12 8.44 -26.80
C THR D 12 13.61 8.71 -26.94
N ALA D 13 14.03 9.93 -26.61
CA ALA D 13 15.42 10.32 -26.76
C ALA D 13 16.32 9.53 -25.82
N LEU D 14 15.87 9.34 -24.59
CA LEU D 14 16.69 8.62 -23.60
C LEU D 14 16.71 7.12 -23.93
N TRP D 15 15.59 6.59 -24.39
CA TRP D 15 15.49 5.15 -24.55
C TRP D 15 16.43 4.66 -25.66
N GLY D 16 16.71 5.53 -26.63
CA GLY D 16 17.66 5.20 -27.68
C GLY D 16 19.05 4.90 -27.17
N LYS D 17 19.34 5.35 -25.96
CA LYS D 17 20.66 5.17 -25.36
C LYS D 17 20.67 4.04 -24.32
N VAL D 18 19.54 3.37 -24.15
CA VAL D 18 19.40 2.31 -23.14
C VAL D 18 19.97 0.99 -23.65
N ASN D 19 20.86 0.39 -22.86
CA ASN D 19 21.37 -0.95 -23.13
C ASN D 19 20.30 -2.02 -22.90
N VAL D 20 19.65 -2.45 -23.98
CA VAL D 20 18.54 -3.40 -23.88
C VAL D 20 18.91 -4.80 -23.35
N ASP D 21 20.22 -5.09 -23.29
CA ASP D 21 20.70 -6.40 -22.81
C ASP D 21 20.94 -6.43 -21.31
N GLU D 22 21.14 -5.25 -20.70
CA GLU D 22 21.49 -5.16 -19.28
C GLU D 22 20.38 -4.64 -18.39
N VAL D 23 19.72 -3.57 -18.81
CA VAL D 23 18.81 -2.84 -17.94
C VAL D 23 17.63 -3.67 -17.38
N GLY D 24 17.01 -4.48 -18.23
CA GLY D 24 15.91 -5.34 -17.80
C GLY D 24 16.33 -6.32 -16.73
N GLY D 25 17.50 -6.93 -16.90
CA GLY D 25 18.07 -7.82 -15.90
C GLY D 25 18.38 -7.14 -14.57
N GLU D 26 18.92 -5.92 -14.62
CA GLU D 26 19.16 -5.14 -13.41
C GLU D 26 17.86 -4.85 -12.68
N ALA D 27 16.85 -4.43 -13.43
CA ALA D 27 15.58 -4.03 -12.83
C ALA D 27 14.88 -5.22 -12.18
N LEU D 28 14.81 -6.33 -12.89
CA LEU D 28 14.18 -7.53 -12.35
C LEU D 28 14.94 -8.03 -11.13
N GLY D 29 16.26 -8.10 -11.26
CA GLY D 29 17.11 -8.49 -10.15
C GLY D 29 16.88 -7.63 -8.93
N ARG D 30 16.87 -6.30 -9.11
CA ARG D 30 16.68 -5.40 -7.97
C ARG D 30 15.26 -5.54 -7.40
N LEU D 31 14.29 -5.84 -8.25
CA LEU D 31 12.94 -6.13 -7.77
C LEU D 31 12.98 -7.29 -6.77
N LEU D 32 13.65 -8.37 -7.17
CA LEU D 32 13.77 -9.57 -6.34
C LEU D 32 14.53 -9.34 -5.04
N VAL D 33 15.50 -8.41 -5.06
CA VAL D 33 16.32 -8.15 -3.88
C VAL D 33 15.66 -7.15 -2.93
N VAL D 34 15.08 -6.10 -3.50
CA VAL D 34 14.48 -5.03 -2.70
C VAL D 34 13.12 -5.47 -2.15
N TYR D 35 12.40 -6.28 -2.91
CA TYR D 35 11.08 -6.74 -2.48
C TYR D 35 11.03 -8.27 -2.52
N PRO D 36 11.63 -8.91 -1.51
CA PRO D 36 11.93 -10.34 -1.60
C PRO D 36 10.72 -11.28 -1.77
N TRP D 37 9.49 -10.87 -1.43
CA TRP D 37 8.35 -11.75 -1.66
C TRP D 37 8.15 -12.04 -3.14
N THR D 38 8.62 -11.14 -4.00
CA THR D 38 8.44 -11.35 -5.44
C THR D 38 9.20 -12.56 -5.93
N GLN D 39 10.20 -13.01 -5.17
CA GLN D 39 10.95 -14.22 -5.51
C GLN D 39 10.05 -15.45 -5.60
N ARG D 40 8.95 -15.44 -4.85
CA ARG D 40 8.02 -16.56 -4.82
C ARG D 40 7.49 -16.87 -6.22
N PHE D 41 7.39 -15.85 -7.05
CA PHE D 41 6.90 -16.04 -8.41
C PHE D 41 7.94 -16.69 -9.33
N PHE D 42 9.19 -16.80 -8.88
CA PHE D 42 10.26 -17.29 -9.74
C PHE D 42 11.03 -18.48 -9.14
N GLU D 43 10.31 -19.40 -8.52
CA GLU D 43 10.93 -20.51 -7.80
C GLU D 43 11.75 -21.45 -8.69
N SER D 44 11.45 -21.49 -9.98
CA SER D 44 12.17 -22.37 -10.89
C SER D 44 13.47 -21.74 -11.39
N PHE D 45 13.71 -20.49 -10.99
CA PHE D 45 14.84 -19.74 -11.53
C PHE D 45 16.15 -20.08 -10.85
N GLY D 46 16.08 -20.91 -9.82
CA GLY D 46 17.28 -21.39 -9.16
C GLY D 46 17.67 -20.56 -7.96
N ASP D 47 18.97 -20.29 -7.83
CA ASP D 47 19.51 -19.60 -6.66
C ASP D 47 19.07 -18.14 -6.58
N LEU D 48 18.28 -17.80 -5.57
CA LEU D 48 17.92 -16.43 -5.30
C LEU D 48 18.19 -16.09 -3.84
N SER D 49 19.14 -16.81 -3.24
CA SER D 49 19.37 -16.79 -1.80
C SER D 49 20.15 -15.57 -1.30
N THR D 50 20.85 -14.91 -2.19
CA THR D 50 21.60 -13.69 -1.85
C THR D 50 21.47 -12.69 -2.99
N PRO D 51 21.74 -11.40 -2.71
CA PRO D 51 21.74 -10.39 -3.78
C PRO D 51 22.70 -10.77 -4.90
N ASP D 52 23.90 -11.20 -4.56
CA ASP D 52 24.88 -11.60 -5.57
C ASP D 52 24.35 -12.75 -6.42
N ALA D 53 23.70 -13.72 -5.78
CA ALA D 53 23.15 -14.84 -6.51
C ALA D 53 22.03 -14.38 -7.45
N VAL D 54 21.15 -13.51 -6.96
CA VAL D 54 20.09 -12.99 -7.82
C VAL D 54 20.65 -12.23 -9.02
N MET D 55 21.50 -11.24 -8.77
CA MET D 55 21.99 -10.38 -9.85
C MET D 55 22.87 -11.13 -10.87
N GLY D 56 23.43 -12.26 -10.47
CA GLY D 56 24.26 -13.06 -11.37
C GLY D 56 23.55 -14.29 -11.94
N ASN D 57 22.28 -14.46 -11.57
CA ASN D 57 21.49 -15.58 -12.06
C ASN D 57 21.14 -15.37 -13.54
N PRO D 58 21.60 -16.31 -14.40
CA PRO D 58 21.40 -16.24 -15.85
C PRO D 58 19.93 -16.15 -16.25
N LYS D 59 19.09 -16.92 -15.56
CA LYS D 59 17.66 -16.90 -15.84
C LYS D 59 17.04 -15.55 -15.50
N VAL D 60 17.52 -14.91 -14.44
CA VAL D 60 17.02 -13.58 -14.10
C VAL D 60 17.41 -12.59 -15.19
N LYS D 61 18.66 -12.65 -15.65
CA LYS D 61 19.11 -11.74 -16.69
C LYS D 61 18.38 -12.00 -17.99
N ALA D 62 18.19 -13.28 -18.34
CA ALA D 62 17.48 -13.64 -19.56
C ALA D 62 16.02 -13.15 -19.51
N HIS D 63 15.38 -13.35 -18.37
CA HIS D 63 13.98 -12.96 -18.28
C HIS D 63 13.86 -11.43 -18.31
N GLY D 64 14.77 -10.75 -17.64
CA GLY D 64 14.81 -9.28 -17.67
C GLY D 64 14.82 -8.73 -19.08
N LYS D 65 15.54 -9.39 -19.97
CA LYS D 65 15.61 -8.97 -21.35
C LYS D 65 14.24 -9.03 -22.02
N LYS D 66 13.46 -10.06 -21.73
CA LYS D 66 12.11 -10.16 -22.25
C LYS D 66 11.24 -9.04 -21.67
N VAL D 67 11.36 -8.83 -20.37
CA VAL D 67 10.65 -7.76 -19.66
C VAL D 67 10.95 -6.41 -20.28
N LEU D 68 12.22 -6.12 -20.53
CA LEU D 68 12.59 -4.83 -21.11
C LEU D 68 12.13 -4.72 -22.55
N GLY D 69 12.04 -5.87 -23.24
CA GLY D 69 11.52 -5.90 -24.60
C GLY D 69 10.08 -5.44 -24.62
N ALA D 70 9.33 -5.80 -23.58
CA ALA D 70 7.93 -5.39 -23.48
C ALA D 70 7.82 -3.90 -23.16
N PHE D 71 8.73 -3.38 -22.34
CA PHE D 71 8.76 -1.94 -22.09
C PHE D 71 9.05 -1.21 -23.40
N SER D 72 10.03 -1.72 -24.17
CA SER D 72 10.35 -1.14 -25.48
C SER D 72 9.12 -1.10 -26.40
N ASP D 73 8.33 -2.17 -26.35
CA ASP D 73 7.11 -2.28 -27.14
C ASP D 73 6.09 -1.24 -26.67
N GLY D 74 6.03 -1.01 -25.36
CA GLY D 74 5.19 0.03 -24.81
C GLY D 74 5.60 1.40 -25.33
N LEU D 75 6.90 1.67 -25.28
CA LEU D 75 7.43 2.97 -25.65
C LEU D 75 7.28 3.30 -27.12
N ALA D 76 7.17 2.26 -27.95
CA ALA D 76 6.95 2.46 -29.38
C ALA D 76 5.46 2.56 -29.67
N HIS D 77 4.63 2.47 -28.64
CA HIS D 77 3.18 2.56 -28.78
C HIS D 77 2.53 3.28 -27.61
N LEU D 78 3.08 4.44 -27.27
CA LEU D 78 2.71 5.17 -26.05
C LEU D 78 1.22 5.54 -25.93
N ASP D 79 0.52 5.61 -27.06
CA ASP D 79 -0.89 5.97 -27.02
C ASP D 79 -1.81 4.75 -27.00
N ASN D 80 -1.22 3.55 -27.05
CA ASN D 80 -1.99 2.31 -26.96
C ASN D 80 -1.34 1.30 -26.02
N LEU D 81 -1.03 1.73 -24.80
CA LEU D 81 -0.40 0.85 -23.83
C LEU D 81 -1.34 -0.28 -23.45
N LYS D 82 -2.64 0.02 -23.41
CA LYS D 82 -3.65 -0.98 -23.05
C LYS D 82 -3.64 -2.18 -23.99
N GLY D 83 -3.56 -1.90 -25.29
CA GLY D 83 -3.53 -2.95 -26.29
C GLY D 83 -2.18 -3.64 -26.35
N THR D 84 -1.12 -2.86 -26.17
CA THR D 84 0.23 -3.38 -26.20
C THR D 84 0.44 -4.47 -25.15
N PHE D 85 -0.13 -4.27 -23.96
CA PHE D 85 0.11 -5.19 -22.84
C PHE D 85 -1.06 -6.12 -22.54
N ALA D 86 -2.07 -6.14 -23.42
CA ALA D 86 -3.28 -6.91 -23.17
C ALA D 86 -3.02 -8.39 -22.85
N THR D 87 -2.21 -9.04 -23.66
CA THR D 87 -1.90 -10.44 -23.44
C THR D 87 -1.10 -10.65 -22.16
N LEU D 88 -0.16 -9.76 -21.90
CA LEU D 88 0.63 -9.86 -20.68
C LEU D 88 -0.25 -9.64 -19.45
N SER D 89 -1.27 -8.81 -19.59
CA SER D 89 -2.20 -8.56 -18.50
C SER D 89 -2.95 -9.84 -18.12
N GLU D 90 -3.43 -10.58 -19.12
CA GLU D 90 -4.10 -11.85 -18.88
C GLU D 90 -3.16 -12.81 -18.15
N LEU D 91 -1.91 -12.90 -18.61
CA LEU D 91 -0.93 -13.75 -17.97
C LEU D 91 -0.69 -13.34 -16.51
N HIS D 92 -0.43 -12.07 -16.27
CA HIS D 92 -0.04 -11.63 -14.93
C HIS D 92 -1.21 -11.60 -13.96
N CYS D 93 -2.40 -11.24 -14.45
CA CYS D 93 -3.57 -11.12 -13.59
C CYS D 93 -4.38 -12.41 -13.48
N ASP D 94 -4.83 -12.93 -14.62
CA ASP D 94 -5.75 -14.06 -14.61
C ASP D 94 -5.05 -15.37 -14.23
N LYS D 95 -3.78 -15.53 -14.63
CA LYS D 95 -3.07 -16.78 -14.39
C LYS D 95 -2.09 -16.74 -13.21
N LEU D 96 -1.23 -15.71 -13.18
CA LEU D 96 -0.18 -15.63 -12.17
C LEU D 96 -0.67 -14.99 -10.87
N HIS D 97 -1.74 -14.20 -10.97
CA HIS D 97 -2.31 -13.47 -9.84
C HIS D 97 -1.29 -12.62 -9.09
N VAL D 98 -0.43 -11.96 -9.85
CA VAL D 98 0.48 -10.97 -9.29
C VAL D 98 -0.32 -9.76 -8.83
N ASP D 99 -0.17 -9.39 -7.57
CA ASP D 99 -0.87 -8.21 -7.09
C ASP D 99 -0.37 -6.98 -7.83
N PRO D 100 -1.30 -6.14 -8.31
CA PRO D 100 -0.97 -4.97 -9.13
C PRO D 100 0.05 -4.01 -8.53
N GLU D 101 0.13 -3.91 -7.20
CA GLU D 101 1.10 -3.04 -6.56
C GLU D 101 2.52 -3.40 -6.98
N ASN D 102 2.74 -4.70 -7.24
CA ASN D 102 4.04 -5.17 -7.69
C ASN D 102 4.40 -4.62 -9.08
N PHE D 103 3.37 -4.36 -9.89
CA PHE D 103 3.61 -3.74 -11.20
C PHE D 103 4.19 -2.35 -11.00
N ARG D 104 3.65 -1.62 -10.01
CA ARG D 104 4.16 -0.29 -9.71
C ARG D 104 5.57 -0.37 -9.15
N LEU D 105 5.83 -1.38 -8.31
CA LEU D 105 7.16 -1.51 -7.74
C LEU D 105 8.20 -1.72 -8.84
N LEU D 106 7.92 -2.63 -9.76
CA LEU D 106 8.87 -2.90 -10.85
C LEU D 106 9.11 -1.65 -11.69
N GLY D 107 8.03 -0.94 -12.00
CA GLY D 107 8.15 0.35 -12.68
C GLY D 107 9.08 1.33 -12.00
N ASN D 108 8.97 1.48 -10.68
CA ASN D 108 9.83 2.45 -9.98
C ASN D 108 11.26 1.95 -9.81
N VAL D 109 11.44 0.64 -9.76
CA VAL D 109 12.78 0.06 -9.76
C VAL D 109 13.48 0.34 -11.09
N LEU D 110 12.75 0.14 -12.19
CA LEU D 110 13.27 0.49 -13.51
C LEU D 110 13.73 1.95 -13.48
N VAL D 111 12.90 2.84 -12.92
CA VAL D 111 13.26 4.25 -12.88
C VAL D 111 14.55 4.47 -12.05
N CYS D 112 14.72 3.75 -10.94
CA CYS D 112 15.97 3.85 -10.17
C CYS D 112 17.17 3.38 -10.98
N VAL D 113 16.96 2.35 -11.79
CA VAL D 113 18.04 1.79 -12.61
C VAL D 113 18.42 2.76 -13.73
N LEU D 114 17.41 3.41 -14.33
CA LEU D 114 17.68 4.45 -15.30
C LEU D 114 18.49 5.59 -14.66
N ALA D 115 18.09 5.99 -13.44
CA ALA D 115 18.84 7.02 -12.72
C ALA D 115 20.28 6.59 -12.47
N HIS D 116 20.42 5.38 -11.95
CA HIS D 116 21.71 4.80 -11.62
C HIS D 116 22.65 4.81 -12.83
N HIS D 117 22.10 4.48 -14.01
CA HIS D 117 22.94 4.42 -15.19
C HIS D 117 23.26 5.78 -15.79
N PHE D 118 22.27 6.66 -15.88
CA PHE D 118 22.47 7.92 -16.56
C PHE D 118 22.96 9.07 -15.68
N GLY D 119 22.85 8.90 -14.37
CA GLY D 119 23.26 9.95 -13.45
C GLY D 119 22.57 11.29 -13.66
N LYS D 120 23.36 12.34 -13.80
CA LYS D 120 22.81 13.70 -13.90
C LYS D 120 21.97 13.88 -15.17
N GLU D 121 22.24 13.05 -16.17
CA GLU D 121 21.47 13.07 -17.41
C GLU D 121 20.00 12.66 -17.20
N PHE D 122 19.74 11.95 -16.10
CA PHE D 122 18.37 11.58 -15.73
C PHE D 122 17.76 12.70 -14.89
N THR D 123 17.52 13.83 -15.55
CA THR D 123 17.06 15.06 -14.93
C THR D 123 15.65 14.90 -14.36
N PRO D 124 15.21 15.84 -13.49
CA PRO D 124 13.82 15.74 -13.02
C PRO D 124 12.78 15.70 -14.16
N PRO D 125 12.88 16.56 -15.19
CA PRO D 125 11.91 16.43 -16.29
C PRO D 125 11.92 15.08 -16.98
N VAL D 126 13.11 14.52 -17.21
CA VAL D 126 13.20 13.19 -17.81
C VAL D 126 12.55 12.16 -16.89
N GLN D 127 12.85 12.24 -15.59
CA GLN D 127 12.20 11.35 -14.64
C GLN D 127 10.68 11.48 -14.66
N ALA D 128 10.19 12.72 -14.65
CA ALA D 128 8.75 12.94 -14.64
C ALA D 128 8.07 12.28 -15.85
N ALA D 129 8.70 12.41 -17.01
CA ALA D 129 8.17 11.80 -18.22
C ALA D 129 8.16 10.28 -18.07
N TYR D 130 9.24 9.72 -17.55
CA TYR D 130 9.31 8.28 -17.37
C TYR D 130 8.33 7.76 -16.30
N GLN D 131 8.03 8.58 -15.29
CA GLN D 131 7.03 8.15 -14.31
C GLN D 131 5.67 7.97 -14.97
N LYS D 132 5.40 8.77 -16.00
CA LYS D 132 4.14 8.60 -16.73
C LYS D 132 4.15 7.28 -17.51
N VAL D 133 5.28 6.96 -18.11
CA VAL D 133 5.42 5.70 -18.82
C VAL D 133 5.19 4.49 -17.92
N VAL D 134 5.90 4.42 -16.79
CA VAL D 134 5.81 3.21 -15.98
C VAL D 134 4.46 3.13 -15.25
N ALA D 135 3.84 4.27 -14.97
CA ALA D 135 2.47 4.26 -14.46
C ALA D 135 1.51 3.71 -15.52
N GLY D 136 1.71 4.12 -16.77
CA GLY D 136 0.88 3.65 -17.87
C GLY D 136 1.06 2.16 -18.12
N VAL D 137 2.30 1.68 -18.03
CA VAL D 137 2.56 0.26 -18.20
C VAL D 137 1.90 -0.54 -17.05
N ALA D 138 2.06 -0.04 -15.83
CA ALA D 138 1.46 -0.71 -14.67
C ALA D 138 -0.06 -0.82 -14.77
N ASN D 139 -0.73 0.27 -15.10
CA ASN D 139 -2.18 0.22 -15.24
C ASN D 139 -2.61 -0.68 -16.39
N ALA D 140 -1.83 -0.68 -17.46
CA ALA D 140 -2.17 -1.51 -18.62
C ALA D 140 -2.08 -2.99 -18.25
N LEU D 141 -1.06 -3.34 -17.49
CA LEU D 141 -0.88 -4.73 -17.02
C LEU D 141 -1.95 -5.14 -16.05
N ALA D 142 -2.47 -4.18 -15.29
CA ALA D 142 -3.53 -4.47 -14.33
C ALA D 142 -4.91 -4.37 -14.96
N HIS D 143 -4.97 -4.21 -16.28
CA HIS D 143 -6.24 -3.95 -16.96
C HIS D 143 -7.27 -5.04 -16.72
N LYS D 144 -6.83 -6.30 -16.72
CA LYS D 144 -7.74 -7.42 -16.51
C LYS D 144 -8.30 -7.48 -15.09
N TYR D 145 -7.75 -6.63 -14.22
CA TYR D 145 -8.26 -6.45 -12.86
C TYR D 145 -9.40 -5.43 -12.82
N HIS D 146 -9.49 -4.62 -13.86
CA HIS D 146 -10.41 -3.49 -13.89
C HIS D 146 -11.78 -3.88 -14.49
#